data_3K3Q
#
_entry.id   3K3Q
#
_cell.length_a   168.282
_cell.length_b   48.764
_cell.length_c   103.643
_cell.angle_alpha   90.000
_cell.angle_beta   116.750
_cell.angle_gamma   90.000
#
_symmetry.space_group_name_H-M   'C 1 2 1'
#
loop_
_entity.id
_entity.type
_entity.pdbx_description
1 polymer 'llama Aa1 VHH domain'
2 polymer 'Botulinum neurotoxin type A'
3 polymer 'Botulinum neurotoxin type A'
4 non-polymer 'ZINC ION'
5 water water
#
loop_
_entity_poly.entity_id
_entity_poly.type
_entity_poly.pdbx_seq_one_letter_code
_entity_poly.pdbx_strand_id
1 'polypeptide(L)'
;MDIAVQLVDSGGGTLQAGKSLRLSCAISGLAFDGGAMGSEHRLTAGAMGWFRQAPGKDREFVAAISPRTDETYYAESLEG
RFSVSRDAAATMVFLQADNVRLDDTASYYCAADEDVTPRVMGVIPHADHWGQGTLVTVSSAAALEHHHHHH
;
A
2 'polypeptide(L)'
;MAVQFVNKQFNYKDPVNGVDIAYIKIPNVGQMQPVKAFKIHNKIWVIPERDTFTNPEEGDLNPPPEAKQVPVSYYDSTYL
STDNEKDNYLKGVTKLFERIYSTDLGRMLLTSIVRGIPFWGGSTIDTELKVIDTNCINVIQPDGSYRSEELNLVIIGPSA
DIIQFECKSFGHEVLNLTRNGYGSTQYIRFSPDFTFGFEESLEVDTNPLLGAGKFATDPAVTLAHELIHAGHRLYGIAIN
PNRVFKVNTNAY
;
B
3 'polypeptide(L)'
;YEMSGLEVSFEELRTFGGHDAKFIDSLQENEFRLYYYNKFKDIASTLNKAKSIVGTTASLQYMKNVFKEKYLLSEDTSGK
FSVDKLKFDKLYKMLTEIYTEDNFVKFFKVLNRKTYLNFDKAVFKINIVPKVNYTIYDGFNLRNTNLAANFNGQNTEINN
MNFTKLKNFTGLFEF
;
C
#
# COMPACT_ATOMS: atom_id res chain seq x y z
N ALA A 4 14.99 -25.05 -10.22
CA ALA A 4 14.10 -25.04 -11.42
C ALA A 4 12.66 -25.27 -10.99
N VAL A 5 11.93 -24.19 -10.79
CA VAL A 5 10.53 -24.30 -10.37
C VAL A 5 9.75 -25.02 -11.47
N GLN A 6 8.80 -25.85 -11.08
CA GLN A 6 7.99 -26.59 -12.03
C GLN A 6 6.59 -26.84 -11.48
N LEU A 7 5.61 -26.79 -12.36
CA LEU A 7 4.20 -27.02 -12.02
C LEU A 7 3.63 -28.02 -13.03
N VAL A 8 3.11 -29.15 -12.56
CA VAL A 8 2.57 -30.13 -13.48
C VAL A 8 1.13 -30.51 -13.16
N ASP A 9 0.21 -29.88 -13.88
CA ASP A 9 -1.23 -30.14 -13.71
C ASP A 9 -1.54 -31.53 -14.22
N SER A 10 -2.72 -32.04 -13.86
CA SER A 10 -3.15 -33.36 -14.31
C SER A 10 -4.56 -33.67 -13.81
N GLY A 11 -5.19 -34.67 -14.43
CA GLY A 11 -6.54 -35.04 -14.05
C GLY A 11 -7.44 -34.68 -15.22
N GLY A 12 -6.81 -34.20 -16.28
CA GLY A 12 -7.53 -33.80 -17.47
C GLY A 12 -8.19 -34.95 -18.21
N GLY A 13 -9.11 -34.58 -19.09
CA GLY A 13 -9.85 -35.55 -19.88
C GLY A 13 -11.25 -34.99 -20.11
N THR A 14 -12.26 -35.84 -20.02
CA THR A 14 -13.63 -35.38 -20.20
C THR A 14 -14.57 -36.19 -19.32
N LEU A 15 -15.72 -35.60 -19.03
CA LEU A 15 -16.73 -36.26 -18.20
C LEU A 15 -18.13 -35.81 -18.57
N GLN A 16 -19.12 -36.52 -18.05
CA GLN A 16 -20.51 -36.19 -18.31
C GLN A 16 -21.02 -35.29 -17.19
N ALA A 17 -22.01 -34.46 -17.49
CA ALA A 17 -22.57 -33.55 -16.49
C ALA A 17 -22.96 -34.30 -15.22
N GLY A 18 -22.33 -33.95 -14.11
CA GLY A 18 -22.64 -34.62 -12.85
C GLY A 18 -21.49 -35.46 -12.33
N LYS A 19 -20.60 -35.89 -13.22
CA LYS A 19 -19.45 -36.71 -12.82
C LYS A 19 -18.43 -35.93 -11.99
N SER A 20 -17.69 -36.63 -11.14
CA SER A 20 -16.69 -35.99 -10.28
C SER A 20 -15.30 -35.94 -10.88
N LEU A 21 -14.67 -34.78 -10.83
CA LEU A 21 -13.33 -34.62 -11.36
C LEU A 21 -12.34 -34.24 -10.27
N ARG A 22 -11.15 -34.81 -10.36
CA ARG A 22 -10.09 -34.53 -9.42
C ARG A 22 -8.89 -34.06 -10.22
N LEU A 23 -8.32 -32.93 -9.81
CA LEU A 23 -7.16 -32.38 -10.49
C LEU A 23 -6.02 -32.31 -9.50
N SER A 24 -4.81 -32.59 -9.99
CA SER A 24 -3.62 -32.54 -9.16
C SER A 24 -2.54 -31.72 -9.84
N CYS A 25 -1.66 -31.15 -9.03
CA CYS A 25 -0.57 -30.31 -9.51
C CYS A 25 0.65 -30.55 -8.63
N ALA A 26 1.72 -31.03 -9.24
CA ALA A 26 2.93 -31.29 -8.51
C ALA A 26 3.81 -30.06 -8.61
N ILE A 27 4.04 -29.41 -7.49
CA ILE A 27 4.88 -28.23 -7.47
C ILE A 27 6.26 -28.76 -7.10
N SER A 28 7.30 -28.02 -7.49
CA SER A 28 8.66 -28.42 -7.17
C SER A 28 9.54 -27.23 -7.43
N GLY A 29 10.50 -27.01 -6.53
CA GLY A 29 11.40 -25.90 -6.69
C GLY A 29 11.03 -24.69 -5.85
N LEU A 30 9.96 -24.79 -5.06
CA LEU A 30 9.54 -23.69 -4.19
C LEU A 30 9.68 -24.11 -2.74
N ALA A 31 10.45 -23.32 -1.99
CA ALA A 31 10.69 -23.63 -0.58
C ALA A 31 9.56 -23.23 0.35
N PHE A 32 8.64 -22.40 -0.15
CA PHE A 32 7.52 -21.93 0.68
C PHE A 32 7.96 -21.65 2.11
N ASP A 33 9.14 -21.05 2.25
CA ASP A 33 9.66 -20.73 3.57
C ASP A 33 9.51 -19.24 3.86
N GLY A 34 8.34 -18.68 3.57
CA GLY A 34 8.11 -17.26 3.82
C GLY A 34 8.66 -16.34 2.73
N GLY A 35 8.77 -16.88 1.52
CA GLY A 35 9.26 -16.09 0.40
C GLY A 35 10.40 -15.14 0.71
N ALA A 36 10.50 -14.08 -0.10
CA ALA A 36 11.55 -13.09 0.03
C ALA A 36 11.77 -12.50 1.43
N MET A 37 10.69 -12.15 2.12
CA MET A 37 10.79 -11.59 3.46
C MET A 37 11.70 -12.44 4.35
N GLY A 38 11.50 -13.76 4.31
CA GLY A 38 12.32 -14.66 5.11
C GLY A 38 11.53 -15.61 5.98
N SER A 39 12.24 -16.52 6.63
CA SER A 39 11.66 -17.52 7.52
C SER A 39 10.72 -16.91 8.54
N GLU A 40 10.95 -15.64 8.86
CA GLU A 40 10.14 -14.95 9.83
C GLU A 40 8.69 -14.89 9.34
N HIS A 41 8.51 -15.11 8.03
CA HIS A 41 7.19 -15.08 7.38
C HIS A 41 6.65 -16.44 6.93
N ARG A 42 7.34 -17.51 7.26
CA ARG A 42 6.93 -18.87 6.88
C ARG A 42 5.42 -19.06 6.95
N LEU A 43 4.81 -18.61 8.04
CA LEU A 43 3.38 -18.77 8.20
C LEU A 43 2.46 -17.68 7.65
N THR A 44 2.97 -16.47 7.39
CA THR A 44 2.13 -15.40 6.85
C THR A 44 2.43 -15.13 5.37
N ALA A 45 2.62 -16.17 4.57
CA ALA A 45 2.95 -15.92 3.17
C ALA A 45 2.99 -17.16 2.31
N GLY A 46 2.62 -16.99 1.04
CA GLY A 46 2.60 -18.10 0.10
C GLY A 46 1.19 -18.48 -0.32
N ALA A 47 1.08 -19.06 -1.50
CA ALA A 47 -0.21 -19.48 -2.01
C ALA A 47 -0.11 -20.44 -3.19
N MET A 48 -0.99 -21.45 -3.15
CA MET A 48 -1.09 -22.47 -4.19
C MET A 48 -2.57 -22.47 -4.54
N GLY A 49 -2.88 -22.28 -5.81
CA GLY A 49 -4.28 -22.26 -6.18
C GLY A 49 -4.55 -22.66 -7.60
N TRP A 50 -5.80 -22.42 -8.02
CA TRP A 50 -6.26 -22.78 -9.36
C TRP A 50 -6.96 -21.68 -10.11
N PHE A 51 -6.69 -21.65 -11.41
CA PHE A 51 -7.27 -20.71 -12.34
C PHE A 51 -7.76 -21.53 -13.53
N ARG A 52 -8.71 -21.01 -14.28
CA ARG A 52 -9.20 -21.72 -15.45
C ARG A 52 -9.59 -20.70 -16.51
N GLN A 53 -9.51 -21.12 -17.77
CA GLN A 53 -9.86 -20.25 -18.88
C GLN A 53 -10.91 -20.91 -19.76
N ALA A 54 -12.10 -20.31 -19.79
CA ALA A 54 -13.18 -20.84 -20.60
C ALA A 54 -12.91 -20.48 -22.06
N PRO A 55 -12.96 -21.47 -22.96
CA PRO A 55 -12.70 -21.18 -24.37
C PRO A 55 -13.37 -19.89 -24.81
N GLY A 56 -12.56 -18.90 -25.16
CA GLY A 56 -13.08 -17.62 -25.59
C GLY A 56 -13.39 -16.68 -24.45
N LYS A 57 -12.92 -17.01 -23.26
CA LYS A 57 -13.16 -16.15 -22.09
C LYS A 57 -11.86 -15.87 -21.35
N ASP A 58 -11.92 -14.94 -20.39
CA ASP A 58 -10.75 -14.56 -19.62
C ASP A 58 -10.29 -15.62 -18.64
N ARG A 59 -9.01 -15.54 -18.26
CA ARG A 59 -8.46 -16.44 -17.28
C ARG A 59 -9.10 -15.98 -15.98
N GLU A 60 -9.83 -16.86 -15.31
CA GLU A 60 -10.47 -16.48 -14.05
C GLU A 60 -10.03 -17.36 -12.89
N PHE A 61 -9.97 -16.75 -11.71
CA PHE A 61 -9.54 -17.44 -10.51
C PHE A 61 -10.61 -18.35 -9.92
N VAL A 62 -10.18 -19.47 -9.35
CA VAL A 62 -11.09 -20.40 -8.72
C VAL A 62 -10.85 -20.45 -7.20
N ALA A 63 -9.75 -21.07 -6.79
CA ALA A 63 -9.46 -21.18 -5.36
C ALA A 63 -8.00 -21.45 -5.05
N ALA A 64 -7.59 -21.16 -3.82
CA ALA A 64 -6.22 -21.38 -3.41
C ALA A 64 -6.12 -21.67 -1.92
N ILE A 65 -5.07 -22.38 -1.55
CA ILE A 65 -4.87 -22.74 -0.16
C ILE A 65 -3.48 -22.28 0.25
N SER A 66 -3.27 -22.12 1.55
CA SER A 66 -1.97 -21.70 2.09
C SER A 66 -1.00 -22.88 2.14
N PRO A 67 0.28 -22.65 1.78
CA PRO A 67 1.29 -23.70 1.79
C PRO A 67 1.68 -24.25 3.15
N ARG A 68 1.44 -23.48 4.22
CA ARG A 68 1.80 -23.94 5.55
C ARG A 68 0.65 -23.81 6.54
N THR A 69 -0.46 -23.24 6.11
CA THR A 69 -1.60 -23.09 6.99
C THR A 69 -2.83 -23.68 6.33
N ASP A 70 -3.99 -23.49 6.93
CA ASP A 70 -5.21 -24.02 6.38
C ASP A 70 -6.04 -22.96 5.66
N GLU A 71 -5.49 -21.75 5.53
CA GLU A 71 -6.19 -20.66 4.87
C GLU A 71 -6.51 -21.00 3.43
N THR A 72 -7.74 -20.70 3.02
CA THR A 72 -8.17 -20.94 1.66
C THR A 72 -8.99 -19.73 1.22
N TYR A 73 -9.25 -19.66 -0.07
CA TYR A 73 -10.03 -18.55 -0.61
C TYR A 73 -10.64 -19.00 -1.91
N TYR A 74 -11.91 -18.71 -2.06
CA TYR A 74 -12.61 -19.10 -3.27
C TYR A 74 -13.27 -17.91 -3.89
N ALA A 75 -13.40 -17.98 -5.21
CA ALA A 75 -14.07 -16.94 -5.94
C ALA A 75 -15.48 -17.08 -5.46
N GLU A 76 -15.99 -15.97 -4.90
CA GLU A 76 -17.37 -15.95 -4.39
C GLU A 76 -18.27 -16.91 -5.17
N SER A 77 -18.01 -16.97 -6.47
CA SER A 77 -18.84 -17.79 -7.31
C SER A 77 -18.75 -19.26 -7.14
N LEU A 78 -17.87 -19.70 -6.25
CA LEU A 78 -17.63 -21.15 -6.20
C LEU A 78 -17.29 -21.91 -5.00
N GLU A 79 -17.78 -21.45 -3.88
CA GLU A 79 -17.42 -22.09 -2.67
C GLU A 79 -18.26 -23.34 -2.53
N GLY A 80 -19.41 -23.32 -3.20
CA GLY A 80 -20.33 -24.44 -3.14
C GLY A 80 -20.35 -25.29 -4.39
N ARG A 81 -19.17 -25.50 -4.97
CA ARG A 81 -19.05 -26.32 -6.17
C ARG A 81 -17.62 -26.80 -6.39
N PHE A 82 -16.73 -26.37 -5.50
CA PHE A 82 -15.32 -26.75 -5.58
C PHE A 82 -14.71 -26.85 -4.20
N SER A 83 -13.52 -27.44 -4.15
CA SER A 83 -12.83 -27.59 -2.88
C SER A 83 -11.34 -27.80 -3.09
N VAL A 84 -10.55 -26.86 -2.57
CA VAL A 84 -9.11 -26.94 -2.68
C VAL A 84 -8.54 -27.72 -1.51
N SER A 85 -7.47 -28.47 -1.80
CA SER A 85 -6.81 -29.27 -0.79
C SER A 85 -5.33 -29.22 -1.05
N ARG A 86 -4.57 -29.69 -0.07
CA ARG A 86 -3.12 -29.67 -0.15
C ARG A 86 -2.58 -30.83 0.68
N ASP A 87 -1.43 -31.37 0.26
CA ASP A 87 -0.80 -32.45 0.99
C ASP A 87 0.15 -31.80 2.00
N ALA A 88 0.05 -32.20 3.27
CA ALA A 88 0.89 -31.64 4.32
C ALA A 88 2.34 -31.38 3.90
N ALA A 89 2.88 -32.24 3.03
CA ALA A 89 4.25 -32.09 2.56
C ALA A 89 4.46 -30.71 1.97
N ALA A 90 3.42 -30.19 1.31
CA ALA A 90 3.46 -28.89 0.66
C ALA A 90 4.24 -29.05 -0.64
N THR A 91 3.77 -29.99 -1.47
CA THR A 91 4.42 -30.28 -2.75
C THR A 91 3.38 -30.72 -3.76
N MET A 92 2.11 -30.52 -3.42
CA MET A 92 1.02 -30.94 -4.28
C MET A 92 -0.24 -30.14 -3.97
N VAL A 93 -1.05 -29.88 -4.98
CA VAL A 93 -2.27 -29.14 -4.76
C VAL A 93 -3.41 -29.85 -5.48
N PHE A 94 -4.56 -29.92 -4.83
CA PHE A 94 -5.70 -30.62 -5.41
C PHE A 94 -6.97 -29.82 -5.52
N LEU A 95 -7.58 -29.87 -6.70
CA LEU A 95 -8.85 -29.20 -6.89
C LEU A 95 -9.86 -30.29 -7.19
N GLN A 96 -10.88 -30.39 -6.33
CA GLN A 96 -11.92 -31.38 -6.50
C GLN A 96 -13.23 -30.68 -6.76
N ALA A 97 -14.16 -31.45 -7.33
CA ALA A 97 -15.49 -30.95 -7.63
C ALA A 97 -16.33 -32.13 -8.08
N ASP A 98 -17.57 -32.16 -7.60
CA ASP A 98 -18.50 -33.23 -7.96
C ASP A 98 -19.65 -32.56 -8.70
N ASN A 99 -20.41 -33.34 -9.45
CA ASN A 99 -21.53 -32.77 -10.20
C ASN A 99 -21.02 -31.75 -11.21
N VAL A 100 -19.94 -32.07 -11.91
CA VAL A 100 -19.37 -31.17 -12.90
C VAL A 100 -20.42 -30.65 -13.89
N ARG A 101 -20.56 -29.34 -13.94
CA ARG A 101 -21.51 -28.71 -14.85
C ARG A 101 -20.79 -28.53 -16.17
N LEU A 102 -21.50 -27.99 -17.16
CA LEU A 102 -20.86 -27.73 -18.45
C LEU A 102 -20.28 -26.33 -18.37
N ASP A 103 -20.76 -25.57 -17.37
CA ASP A 103 -20.29 -24.22 -17.12
C ASP A 103 -18.80 -24.27 -16.83
N ASP A 104 -18.34 -25.43 -16.39
CA ASP A 104 -16.94 -25.63 -16.03
C ASP A 104 -16.01 -25.92 -17.18
N THR A 105 -16.52 -26.59 -18.20
CA THR A 105 -15.71 -26.94 -19.36
C THR A 105 -14.70 -25.85 -19.67
N ALA A 106 -13.42 -26.15 -19.51
CA ALA A 106 -12.36 -25.17 -19.79
C ALA A 106 -10.98 -25.71 -19.44
N SER A 107 -9.97 -24.87 -19.56
CA SER A 107 -8.61 -25.26 -19.24
C SER A 107 -8.26 -24.78 -17.85
N TYR A 108 -7.72 -25.69 -17.05
CA TYR A 108 -7.35 -25.37 -15.68
C TYR A 108 -5.86 -25.23 -15.49
N TYR A 109 -5.45 -24.21 -14.76
CA TYR A 109 -4.04 -23.97 -14.49
C TYR A 109 -3.78 -23.78 -13.00
N CYS A 110 -2.69 -24.34 -12.50
CA CYS A 110 -2.36 -24.17 -11.10
C CYS A 110 -1.28 -23.13 -11.00
N ALA A 111 -1.35 -22.33 -9.94
CA ALA A 111 -0.39 -21.28 -9.73
C ALA A 111 0.19 -21.34 -8.34
N ALA A 112 1.34 -20.69 -8.17
CA ALA A 112 2.00 -20.67 -6.89
C ALA A 112 2.85 -19.43 -6.75
N ASP A 113 2.75 -18.77 -5.60
CA ASP A 113 3.53 -17.57 -5.33
C ASP A 113 4.17 -17.70 -3.95
N GLU A 114 5.47 -17.49 -3.90
CA GLU A 114 6.20 -17.60 -2.63
C GLU A 114 5.67 -16.64 -1.57
N ASP A 115 5.61 -15.37 -1.91
CA ASP A 115 5.15 -14.39 -0.93
C ASP A 115 3.93 -13.57 -1.28
N VAL A 116 2.75 -14.17 -1.19
CA VAL A 116 1.48 -13.50 -1.48
C VAL A 116 0.40 -14.44 -0.96
N THR A 117 -0.45 -13.95 -0.06
CA THR A 117 -1.52 -14.77 0.52
C THR A 117 -2.47 -15.33 -0.52
N PRO A 118 -3.09 -16.49 -0.22
CA PRO A 118 -4.02 -17.05 -1.19
C PRO A 118 -5.12 -16.07 -1.61
N ARG A 119 -5.52 -15.20 -0.68
CA ARG A 119 -6.56 -14.22 -0.96
C ARG A 119 -6.04 -13.19 -1.96
N VAL A 120 -4.85 -12.66 -1.70
CA VAL A 120 -4.27 -11.68 -2.61
C VAL A 120 -4.11 -12.37 -3.96
N MET A 121 -3.70 -13.62 -3.97
CA MET A 121 -3.53 -14.34 -5.23
C MET A 121 -4.82 -14.34 -6.03
N GLY A 122 -5.95 -14.41 -5.32
CA GLY A 122 -7.24 -14.47 -5.98
C GLY A 122 -7.87 -13.16 -6.41
N VAL A 123 -7.75 -12.12 -5.58
CA VAL A 123 -8.34 -10.84 -5.89
C VAL A 123 -7.63 -9.97 -6.95
N ILE A 124 -6.30 -9.90 -6.91
CA ILE A 124 -5.55 -9.07 -7.86
C ILE A 124 -5.90 -9.31 -9.33
N PRO A 125 -5.61 -10.49 -9.87
CA PRO A 125 -5.04 -11.68 -9.23
C PRO A 125 -3.53 -11.66 -9.51
N HIS A 126 -2.78 -12.53 -8.84
CA HIS A 126 -1.34 -12.57 -9.07
C HIS A 126 -0.67 -13.88 -8.69
N ALA A 127 0.36 -14.24 -9.44
CA ALA A 127 1.11 -15.46 -9.21
C ALA A 127 2.37 -15.48 -10.05
N ASP A 128 3.49 -15.79 -9.43
CA ASP A 128 4.76 -15.86 -10.14
C ASP A 128 4.92 -17.11 -11.00
N HIS A 129 4.30 -18.21 -10.59
CA HIS A 129 4.46 -19.46 -11.35
C HIS A 129 3.17 -20.09 -11.83
N TRP A 130 3.14 -20.48 -13.09
CA TRP A 130 1.96 -21.09 -13.66
C TRP A 130 2.22 -22.50 -14.12
N GLY A 131 1.15 -23.29 -14.14
CA GLY A 131 1.24 -24.67 -14.60
C GLY A 131 1.02 -24.73 -16.09
N GLN A 132 1.34 -25.87 -16.69
CA GLN A 132 1.20 -26.08 -18.13
C GLN A 132 -0.23 -25.92 -18.63
N GLY A 133 -1.19 -26.32 -17.80
CA GLY A 133 -2.58 -26.23 -18.17
C GLY A 133 -3.16 -27.58 -18.54
N THR A 134 -4.33 -27.89 -17.98
CA THR A 134 -4.99 -29.16 -18.25
C THR A 134 -6.43 -28.90 -18.69
N LEU A 135 -6.81 -29.45 -19.84
CA LEU A 135 -8.14 -29.24 -20.39
C LEU A 135 -9.24 -30.12 -19.79
N VAL A 136 -10.36 -29.48 -19.45
CA VAL A 136 -11.51 -30.17 -18.87
C VAL A 136 -12.74 -29.84 -19.73
N THR A 137 -13.45 -30.88 -20.13
CA THR A 137 -14.64 -30.69 -20.96
C THR A 137 -15.73 -31.71 -20.63
N VAL A 138 -16.93 -31.19 -20.35
CA VAL A 138 -18.10 -32.00 -20.00
C VAL A 138 -19.00 -32.24 -21.22
N SER A 139 -19.83 -33.27 -21.15
CA SER A 139 -20.71 -33.62 -22.26
C SER A 139 -22.17 -33.85 -21.86
N SER A 140 -22.88 -34.59 -22.71
CA SER A 140 -24.28 -34.93 -22.51
C SER A 140 -24.42 -36.45 -22.41
N GLN B 4 -4.08 -6.48 15.99
CA GLN B 4 -4.40 -5.02 15.99
C GLN B 4 -3.15 -4.15 15.78
N PHE B 5 -3.16 -3.41 14.67
CA PHE B 5 -2.04 -2.55 14.26
C PHE B 5 -1.55 -1.53 15.27
N VAL B 6 -2.47 -0.88 15.96
CA VAL B 6 -2.09 0.17 16.92
C VAL B 6 -2.43 -0.32 18.32
N ASN B 7 -1.43 -0.75 19.11
CA ASN B 7 -1.79 -1.27 20.45
C ASN B 7 -2.39 -0.32 21.43
N LYS B 8 -1.55 0.62 21.82
CA LYS B 8 -2.12 1.50 22.77
C LYS B 8 -3.33 2.14 22.21
N GLN B 9 -4.05 2.86 23.04
CA GLN B 9 -5.13 3.60 22.48
C GLN B 9 -4.80 4.94 23.02
N PHE B 10 -4.36 5.78 22.10
CA PHE B 10 -4.00 7.11 22.53
C PHE B 10 -5.15 8.09 22.74
N ASN B 11 -4.94 9.02 23.66
CA ASN B 11 -5.92 10.06 23.94
C ASN B 11 -5.10 11.32 24.01
N TYR B 12 -5.30 12.19 23.03
CA TYR B 12 -4.57 13.43 22.93
C TYR B 12 -4.08 14.03 24.24
N LYS B 13 -4.95 14.06 25.24
CA LYS B 13 -4.55 14.64 26.52
C LYS B 13 -3.58 13.83 27.38
N ASP B 14 -3.29 12.60 26.97
CA ASP B 14 -2.36 11.76 27.73
C ASP B 14 -1.03 12.48 27.95
N PRO B 15 -0.44 12.33 29.15
CA PRO B 15 0.84 12.96 29.48
C PRO B 15 1.99 12.32 28.71
N VAL B 16 2.96 13.13 28.30
CA VAL B 16 4.11 12.65 27.53
C VAL B 16 5.01 11.70 28.30
N ASN B 17 5.78 10.89 27.58
CA ASN B 17 6.71 9.97 28.18
C ASN B 17 8.02 9.91 27.39
N GLY B 18 8.08 10.66 26.29
CA GLY B 18 9.29 10.66 25.50
C GLY B 18 9.59 9.38 24.76
N VAL B 19 8.63 8.46 24.76
CA VAL B 19 8.80 7.19 24.06
C VAL B 19 7.77 7.08 22.95
N ASP B 20 6.49 7.05 23.30
CA ASP B 20 5.44 6.97 22.29
C ASP B 20 4.47 8.16 22.31
N ILE B 21 4.65 9.05 23.28
CA ILE B 21 3.84 10.26 23.35
C ILE B 21 4.82 11.32 23.77
N ALA B 22 5.03 12.31 22.91
CA ALA B 22 6.00 13.36 23.22
C ALA B 22 5.92 14.56 22.32
N TYR B 23 6.54 15.64 22.77
CA TYR B 23 6.60 16.83 21.97
C TYR B 23 7.84 16.59 21.12
N ILE B 24 7.85 17.09 19.89
CA ILE B 24 9.01 16.87 19.05
C ILE B 24 9.32 18.09 18.21
N LYS B 25 10.46 18.03 17.54
CA LYS B 25 10.89 19.10 16.65
C LYS B 25 11.44 18.44 15.38
N ILE B 26 11.30 19.11 14.25
CA ILE B 26 11.82 18.53 13.04
C ILE B 26 13.08 19.29 12.71
N PRO B 27 14.21 18.59 12.55
CA PRO B 27 15.49 19.25 12.23
C PRO B 27 15.41 20.21 11.05
N ASN B 28 14.79 19.76 9.96
CA ASN B 28 14.66 20.57 8.74
C ASN B 28 13.63 21.69 8.78
N VAL B 29 13.35 22.21 9.96
CA VAL B 29 12.38 23.28 10.07
C VAL B 29 13.06 24.50 10.69
N GLY B 30 14.20 24.26 11.32
CA GLY B 30 14.91 25.34 11.96
C GLY B 30 14.17 25.73 13.23
N GLN B 31 13.92 27.02 13.40
CA GLN B 31 13.22 27.50 14.59
C GLN B 31 11.73 27.11 14.49
N MET B 32 11.26 26.35 15.47
CA MET B 32 9.85 25.93 15.49
C MET B 32 9.45 25.45 16.89
N GLN B 33 8.22 25.75 17.28
CA GLN B 33 7.72 25.33 18.58
C GLN B 33 7.50 23.83 18.55
N PRO B 34 7.85 23.12 19.64
CA PRO B 34 7.66 21.67 19.65
C PRO B 34 6.18 21.33 19.51
N VAL B 35 5.87 20.17 18.94
CA VAL B 35 4.49 19.74 18.79
C VAL B 35 4.27 18.32 19.25
N LYS B 36 3.30 18.14 20.14
CA LYS B 36 2.97 16.82 20.67
C LYS B 36 2.74 15.86 19.52
N ALA B 37 3.30 14.66 19.63
CA ALA B 37 3.13 13.64 18.60
C ALA B 37 2.83 12.28 19.23
N PHE B 38 2.43 11.33 18.41
CA PHE B 38 2.10 10.01 18.92
C PHE B 38 2.68 8.92 18.07
N LYS B 39 3.35 7.97 18.69
CA LYS B 39 3.93 6.87 17.94
C LYS B 39 2.96 5.70 17.97
N ILE B 40 2.13 5.62 16.93
CA ILE B 40 1.15 4.56 16.83
C ILE B 40 1.72 3.22 16.41
N HIS B 41 2.94 3.22 15.89
CA HIS B 41 3.53 1.95 15.48
C HIS B 41 5.01 2.18 15.22
N ASN B 42 5.75 1.10 15.04
CA ASN B 42 7.17 1.23 14.77
C ASN B 42 7.39 2.05 13.48
N LYS B 43 8.25 3.07 13.57
CA LYS B 43 8.57 3.94 12.44
C LYS B 43 7.43 4.86 11.97
N ILE B 44 6.31 4.88 12.68
CA ILE B 44 5.18 5.68 12.24
C ILE B 44 4.61 6.57 13.33
N TRP B 45 4.62 7.88 13.08
CA TRP B 45 4.11 8.83 14.05
C TRP B 45 2.91 9.62 13.53
N VAL B 46 2.20 10.26 14.46
CA VAL B 46 1.05 11.06 14.10
C VAL B 46 1.08 12.39 14.81
N ILE B 47 1.02 13.48 14.04
CA ILE B 47 1.03 14.83 14.60
C ILE B 47 -0.34 15.49 14.35
N PRO B 48 -1.23 15.47 15.36
CA PRO B 48 -2.57 16.07 15.22
C PRO B 48 -2.54 17.60 15.18
N GLU B 49 -1.81 18.17 14.22
CA GLU B 49 -1.69 19.62 14.08
C GLU B 49 -1.80 20.03 12.62
N ARG B 50 -2.08 21.32 12.40
CA ARG B 50 -2.16 21.86 11.05
C ARG B 50 -0.72 22.04 10.59
N ASP B 51 -0.39 21.43 9.46
CA ASP B 51 0.97 21.51 8.93
C ASP B 51 1.38 22.92 8.52
N THR B 52 1.84 23.69 9.51
CA THR B 52 2.29 25.04 9.26
C THR B 52 3.79 25.14 9.44
N PHE B 53 4.50 24.03 9.25
CA PHE B 53 5.94 24.03 9.40
C PHE B 53 6.75 23.21 8.41
N THR B 54 6.14 22.23 7.75
CA THR B 54 6.93 21.46 6.81
C THR B 54 7.40 22.38 5.71
N ASN B 55 6.60 23.40 5.42
CA ASN B 55 6.90 24.37 4.37
C ASN B 55 6.92 25.79 4.95
N PRO B 56 8.07 26.47 4.88
CA PRO B 56 8.27 27.83 5.38
C PRO B 56 7.17 28.79 4.95
N GLU B 57 6.63 28.56 3.76
CA GLU B 57 5.58 29.41 3.21
C GLU B 57 4.18 29.09 3.70
N GLU B 58 4.07 28.29 4.75
CA GLU B 58 2.77 27.97 5.31
C GLU B 58 2.59 28.76 6.58
N GLY B 59 1.77 28.26 7.50
CA GLY B 59 1.54 28.97 8.74
C GLY B 59 0.34 29.89 8.62
N ASP B 60 0.01 30.26 7.40
CA ASP B 60 -1.13 31.15 7.13
C ASP B 60 -2.32 30.29 6.81
N LEU B 61 -3.19 30.07 7.77
CA LEU B 61 -4.30 29.22 7.47
C LEU B 61 -5.38 29.85 6.62
N ASN B 62 -4.95 30.95 6.00
CA ASN B 62 -5.75 31.78 5.12
C ASN B 62 -5.63 31.55 3.63
N PRO B 63 -6.68 31.96 2.88
CA PRO B 63 -6.77 31.82 1.42
C PRO B 63 -5.64 32.64 0.78
N PRO B 64 -4.99 32.10 -0.24
CA PRO B 64 -3.90 32.75 -0.97
C PRO B 64 -4.33 34.12 -1.51
N PRO B 65 -3.40 34.85 -2.13
CA PRO B 65 -3.69 36.17 -2.70
C PRO B 65 -4.95 36.19 -3.56
N GLU B 66 -4.90 35.50 -4.70
CA GLU B 66 -6.04 35.44 -5.63
C GLU B 66 -6.89 34.17 -5.54
N ALA B 67 -6.54 33.15 -6.33
CA ALA B 67 -7.30 31.91 -6.33
C ALA B 67 -6.43 30.67 -6.48
N LYS B 68 -6.93 29.56 -5.95
CA LYS B 68 -6.26 28.27 -6.00
C LYS B 68 -6.66 27.61 -7.31
N GLN B 69 -5.69 27.35 -8.18
CA GLN B 69 -5.94 26.76 -9.50
C GLN B 69 -6.49 25.33 -9.51
N VAL B 70 -7.55 25.10 -8.73
CA VAL B 70 -8.16 23.77 -8.65
C VAL B 70 -9.68 23.84 -8.55
N PRO B 71 -10.35 22.75 -8.91
CA PRO B 71 -11.81 22.66 -8.86
C PRO B 71 -12.35 23.12 -7.50
N VAL B 72 -11.79 22.55 -6.43
CA VAL B 72 -12.23 22.91 -5.09
C VAL B 72 -11.09 23.19 -4.14
N SER B 73 -11.43 23.80 -3.01
CA SER B 73 -10.48 24.14 -1.98
C SER B 73 -11.28 24.67 -0.81
N TYR B 74 -11.00 24.18 0.40
CA TYR B 74 -11.71 24.61 1.59
C TYR B 74 -10.72 25.24 2.55
N TYR B 75 -11.15 26.27 3.25
CA TYR B 75 -10.29 26.96 4.19
C TYR B 75 -11.04 27.21 5.48
N ASP B 76 -10.32 27.20 6.59
CA ASP B 76 -10.90 27.42 7.91
C ASP B 76 -9.73 27.30 8.85
N SER B 77 -9.41 28.39 9.55
CA SER B 77 -8.26 28.37 10.45
C SER B 77 -8.53 27.85 11.84
N THR B 78 -9.79 27.57 12.17
CA THR B 78 -10.07 27.06 13.51
C THR B 78 -10.16 25.54 13.47
N TYR B 79 -9.94 24.96 12.31
CA TYR B 79 -10.00 23.51 12.20
C TYR B 79 -8.75 22.90 12.81
N LEU B 80 -8.96 21.92 13.68
CA LEU B 80 -7.88 21.21 14.35
C LEU B 80 -7.12 22.10 15.31
N SER B 81 -7.86 22.92 16.06
CA SER B 81 -7.24 23.83 17.01
C SER B 81 -7.55 23.52 18.48
N THR B 82 -8.67 22.84 18.74
CA THR B 82 -9.04 22.50 20.11
C THR B 82 -8.55 21.09 20.45
N ASP B 83 -7.95 20.94 21.63
CA ASP B 83 -7.45 19.63 22.04
C ASP B 83 -8.51 18.59 21.76
N ASN B 84 -9.76 18.99 21.95
CA ASN B 84 -10.88 18.09 21.72
C ASN B 84 -10.93 17.61 20.26
N GLU B 85 -10.70 18.52 19.32
CA GLU B 85 -10.72 18.15 17.92
C GLU B 85 -9.53 17.27 17.61
N LYS B 86 -8.37 17.70 18.10
CA LYS B 86 -7.14 16.96 17.89
C LYS B 86 -7.31 15.51 18.31
N ASP B 87 -7.95 15.29 19.46
CA ASP B 87 -8.16 13.92 19.93
C ASP B 87 -9.01 13.16 18.93
N ASN B 88 -9.98 13.85 18.33
CA ASN B 88 -10.85 13.22 17.37
C ASN B 88 -10.06 12.84 16.12
N TYR B 89 -9.15 13.72 15.73
CA TYR B 89 -8.29 13.51 14.57
C TYR B 89 -7.47 12.24 14.79
N LEU B 90 -6.78 12.19 15.93
CA LEU B 90 -5.97 11.04 16.31
C LEU B 90 -6.77 9.74 16.27
N LYS B 91 -7.98 9.75 16.82
CA LYS B 91 -8.83 8.56 16.82
C LYS B 91 -9.18 8.14 15.40
N GLY B 92 -9.40 9.15 14.55
CA GLY B 92 -9.77 8.90 13.16
C GLY B 92 -8.67 8.32 12.32
N VAL B 93 -7.45 8.83 12.47
CA VAL B 93 -6.33 8.32 11.69
C VAL B 93 -6.05 6.89 12.17
N THR B 94 -6.15 6.70 13.47
CA THR B 94 -5.95 5.39 14.08
C THR B 94 -6.88 4.35 13.47
N LYS B 95 -8.18 4.66 13.42
CA LYS B 95 -9.13 3.70 12.87
C LYS B 95 -8.83 3.37 11.42
N LEU B 96 -8.56 4.39 10.63
CA LEU B 96 -8.25 4.17 9.22
C LEU B 96 -7.06 3.23 9.11
N PHE B 97 -6.03 3.44 9.93
CA PHE B 97 -4.89 2.56 9.85
C PHE B 97 -5.36 1.14 10.12
N GLU B 98 -6.13 0.98 11.19
CA GLU B 98 -6.64 -0.35 11.53
C GLU B 98 -7.42 -0.89 10.35
N ARG B 99 -8.20 -0.02 9.72
CA ARG B 99 -8.98 -0.47 8.57
C ARG B 99 -8.12 -1.04 7.45
N ILE B 100 -7.05 -0.33 7.10
CA ILE B 100 -6.16 -0.77 6.03
C ILE B 100 -5.42 -2.03 6.47
N TYR B 101 -5.06 -2.05 7.75
CA TYR B 101 -4.36 -3.19 8.29
C TYR B 101 -5.24 -4.43 8.21
N SER B 102 -6.53 -4.21 8.44
CA SER B 102 -7.50 -5.30 8.43
C SER B 102 -7.57 -6.08 7.13
N THR B 103 -6.75 -5.76 6.14
CA THR B 103 -6.79 -6.51 4.89
C THR B 103 -5.40 -7.10 4.60
N ASP B 104 -5.36 -8.15 3.80
CA ASP B 104 -4.08 -8.79 3.50
C ASP B 104 -3.21 -7.79 2.77
N LEU B 105 -3.81 -7.07 1.83
CA LEU B 105 -3.07 -6.10 1.05
C LEU B 105 -2.54 -4.98 1.95
N GLY B 106 -3.37 -4.51 2.88
CA GLY B 106 -2.95 -3.44 3.78
C GLY B 106 -1.87 -3.86 4.76
N ARG B 107 -1.91 -5.13 5.20
CA ARG B 107 -0.93 -5.65 6.13
C ARG B 107 0.42 -5.66 5.42
N MET B 108 0.40 -6.14 4.18
CA MET B 108 1.59 -6.22 3.37
C MET B 108 2.23 -4.85 3.13
N LEU B 109 1.42 -3.89 2.67
CA LEU B 109 1.90 -2.55 2.41
C LEU B 109 2.52 -1.97 3.67
N LEU B 110 1.78 -2.07 4.77
CA LEU B 110 2.27 -1.54 6.04
C LEU B 110 3.55 -2.23 6.50
N THR B 111 3.73 -3.49 6.13
CA THR B 111 4.95 -4.18 6.47
C THR B 111 6.05 -3.52 5.63
N SER B 112 5.83 -3.44 4.32
CA SER B 112 6.80 -2.81 3.41
C SER B 112 7.20 -1.38 3.84
N ILE B 113 6.26 -0.61 4.35
CA ILE B 113 6.59 0.74 4.75
C ILE B 113 7.48 0.71 5.97
N VAL B 114 7.06 -0.01 7.00
CA VAL B 114 7.84 -0.08 8.22
C VAL B 114 9.21 -0.69 7.98
N ARG B 115 9.29 -1.44 6.90
CA ARG B 115 10.51 -2.12 6.55
C ARG B 115 11.46 -1.27 5.69
N GLY B 116 10.93 -0.25 5.02
CA GLY B 116 11.77 0.55 4.16
C GLY B 116 12.41 1.77 4.80
N ILE B 117 13.33 1.57 5.73
CA ILE B 117 13.99 2.71 6.36
C ILE B 117 14.81 3.47 5.33
N PRO B 118 14.82 4.81 5.42
CA PRO B 118 15.59 5.61 4.47
C PRO B 118 17.07 5.29 4.59
N PHE B 119 17.72 5.12 3.45
CA PHE B 119 19.14 4.78 3.43
C PHE B 119 20.06 5.79 4.09
N TRP B 120 21.17 5.29 4.63
CA TRP B 120 22.19 6.06 5.32
C TRP B 120 23.34 6.56 4.43
N GLY B 121 23.02 7.38 3.43
CA GLY B 121 24.06 7.89 2.56
C GLY B 121 24.34 9.35 2.84
N GLY B 122 24.21 9.73 4.11
CA GLY B 122 24.41 11.12 4.49
C GLY B 122 25.85 11.54 4.72
N SER B 123 26.79 10.64 4.42
CA SER B 123 28.21 10.94 4.61
C SER B 123 28.95 11.48 3.39
N THR B 124 29.89 12.39 3.65
CA THR B 124 30.71 12.99 2.60
C THR B 124 31.81 12.03 2.11
N ILE B 125 32.05 10.96 2.88
CA ILE B 125 33.06 9.97 2.53
C ILE B 125 32.41 8.63 2.23
N ASP B 126 32.82 8.02 1.13
CA ASP B 126 32.25 6.76 0.66
C ASP B 126 32.31 5.52 1.52
N THR B 127 33.33 5.38 2.36
CA THR B 127 33.44 4.20 3.19
C THR B 127 32.84 4.39 4.56
N GLU B 128 31.88 5.31 4.67
CA GLU B 128 31.25 5.58 5.94
C GLU B 128 29.74 5.81 5.84
N LEU B 129 28.98 5.07 6.64
CA LEU B 129 27.53 5.23 6.67
C LEU B 129 27.14 6.33 7.64
N LYS B 130 26.20 7.16 7.24
CA LYS B 130 25.75 8.24 8.10
C LYS B 130 24.28 8.54 7.82
N VAL B 131 23.53 8.79 8.90
CA VAL B 131 22.12 9.10 8.79
C VAL B 131 21.98 10.42 8.09
N ILE B 132 20.82 10.66 7.47
CA ILE B 132 20.56 11.94 6.82
C ILE B 132 19.57 12.67 7.73
N ASP B 133 19.95 13.85 8.17
CA ASP B 133 19.13 14.67 9.06
C ASP B 133 17.63 14.75 8.70
N THR B 134 17.31 14.86 7.41
CA THR B 134 15.90 14.96 6.98
C THR B 134 15.10 13.74 7.40
N ASN B 135 15.78 12.62 7.69
CA ASN B 135 15.08 11.40 8.05
C ASN B 135 14.95 11.11 9.54
N CYS B 136 15.09 12.14 10.36
CA CYS B 136 14.98 11.97 11.80
C CYS B 136 14.11 13.06 12.40
N ILE B 137 13.78 12.90 13.68
CA ILE B 137 12.99 13.90 14.38
C ILE B 137 13.58 13.92 15.76
N ASN B 138 13.45 15.02 16.49
CA ASN B 138 13.99 15.09 17.83
C ASN B 138 12.85 14.92 18.84
N VAL B 139 12.94 13.84 19.63
CA VAL B 139 11.93 13.52 20.62
C VAL B 139 12.37 14.04 21.99
N ILE B 140 11.58 14.94 22.55
CA ILE B 140 11.93 15.52 23.81
C ILE B 140 11.56 14.56 24.93
N GLN B 141 12.48 14.44 25.89
CA GLN B 141 12.32 13.58 27.05
C GLN B 141 11.70 14.40 28.16
N PRO B 142 11.06 13.74 29.16
CA PRO B 142 10.43 14.44 30.27
C PRO B 142 11.35 15.37 31.05
N ASP B 143 12.66 15.20 30.88
CA ASP B 143 13.64 16.01 31.60
C ASP B 143 14.25 17.16 30.80
N GLY B 144 13.91 17.23 29.51
CA GLY B 144 14.44 18.32 28.70
C GLY B 144 15.46 17.86 27.69
N SER B 145 15.83 16.59 27.76
CA SER B 145 16.80 16.05 26.81
C SER B 145 16.06 16.02 25.50
N TYR B 146 16.63 15.25 24.60
CA TYR B 146 16.02 14.99 23.34
C TYR B 146 16.94 14.01 22.70
N ARG B 147 16.27 13.05 22.12
CA ARG B 147 16.85 11.92 21.48
C ARG B 147 16.36 11.99 20.04
N SER B 148 17.30 12.00 19.10
CA SER B 148 16.96 12.07 17.69
C SER B 148 16.57 10.66 17.25
N GLU B 149 15.37 10.51 16.69
CA GLU B 149 14.89 9.19 16.28
C GLU B 149 14.63 9.00 14.80
N GLU B 150 14.93 7.81 14.30
CA GLU B 150 14.68 7.49 12.90
C GLU B 150 13.25 7.01 12.67
N LEU B 151 12.58 7.59 11.69
CA LEU B 151 11.21 7.21 11.39
C LEU B 151 11.01 7.16 9.88
N ASN B 152 9.94 6.52 9.45
CA ASN B 152 9.66 6.41 8.02
C ASN B 152 8.44 7.18 7.59
N LEU B 153 7.48 7.35 8.49
CA LEU B 153 6.25 8.00 8.09
C LEU B 153 5.57 8.86 9.16
N VAL B 154 5.10 10.02 8.73
CA VAL B 154 4.42 10.93 9.64
C VAL B 154 3.11 11.42 9.05
N ILE B 155 2.03 11.21 9.78
CA ILE B 155 0.73 11.65 9.32
C ILE B 155 0.50 12.94 10.05
N ILE B 156 0.25 13.99 9.29
CA ILE B 156 0.05 15.29 9.88
C ILE B 156 -1.19 15.93 9.26
N GLY B 157 -1.79 16.86 10.00
CA GLY B 157 -2.98 17.55 9.54
C GLY B 157 -2.73 18.40 8.31
N PRO B 158 -3.80 18.83 7.60
CA PRO B 158 -3.64 19.66 6.41
C PRO B 158 -3.19 21.09 6.67
N SER B 159 -2.68 21.73 5.62
CA SER B 159 -2.21 23.09 5.71
C SER B 159 -3.39 24.05 5.52
N ALA B 160 -3.12 25.22 4.95
CA ALA B 160 -4.15 26.23 4.71
C ALA B 160 -5.38 25.60 4.05
N ASP B 161 -5.16 24.98 2.89
CA ASP B 161 -6.21 24.30 2.14
C ASP B 161 -6.51 22.98 2.84
N ILE B 162 -7.53 22.99 3.67
CA ILE B 162 -7.90 21.80 4.43
C ILE B 162 -8.07 20.53 3.60
N ILE B 163 -8.57 20.64 2.38
CA ILE B 163 -8.78 19.43 1.57
C ILE B 163 -7.67 19.05 0.61
N GLN B 164 -6.47 19.58 0.79
CA GLN B 164 -5.33 19.21 -0.06
C GLN B 164 -4.56 18.09 0.66
N PHE B 165 -4.68 16.86 0.17
CA PHE B 165 -3.96 15.74 0.78
C PHE B 165 -2.69 15.53 0.00
N GLU B 166 -1.62 15.21 0.69
CA GLU B 166 -0.37 15.07 -0.01
C GLU B 166 0.71 14.33 0.77
N CYS B 167 1.65 13.75 0.02
CA CYS B 167 2.76 13.02 0.59
C CYS B 167 4.06 13.83 0.40
N LYS B 168 4.34 14.73 1.35
CA LYS B 168 5.53 15.60 1.33
C LYS B 168 6.78 14.84 1.73
N SER B 169 7.91 15.54 1.70
CA SER B 169 9.19 14.93 2.04
C SER B 169 10.27 15.99 2.00
N PHE B 170 11.15 16.02 3.01
CA PHE B 170 12.23 17.00 3.03
C PHE B 170 13.32 16.55 2.08
N GLY B 171 13.52 17.32 1.02
CA GLY B 171 14.53 16.95 0.06
C GLY B 171 15.94 17.24 0.54
N HIS B 172 16.90 16.54 -0.06
CA HIS B 172 18.29 16.77 0.31
C HIS B 172 18.81 17.95 -0.51
N GLU B 173 20.09 18.22 -0.36
CA GLU B 173 20.74 19.30 -1.09
C GLU B 173 20.89 18.95 -2.55
N VAL B 174 21.70 17.92 -2.79
CA VAL B 174 22.01 17.48 -4.13
C VAL B 174 21.11 16.41 -4.69
N LEU B 175 21.26 15.20 -4.18
CA LEU B 175 20.49 14.06 -4.66
C LEU B 175 19.00 14.10 -4.40
N ASN B 176 18.27 13.33 -5.21
CA ASN B 176 16.81 13.20 -5.14
C ASN B 176 16.48 11.88 -4.46
N LEU B 177 16.35 11.93 -3.14
CA LEU B 177 16.10 10.74 -2.33
C LEU B 177 14.93 9.85 -2.73
N THR B 178 13.83 10.43 -3.19
CA THR B 178 12.66 9.63 -3.55
C THR B 178 12.81 9.00 -4.91
N ARG B 179 13.87 9.36 -5.63
CA ARG B 179 14.08 8.84 -6.98
C ARG B 179 15.41 8.12 -7.21
N ASN B 180 16.30 8.13 -6.22
CA ASN B 180 17.61 7.51 -6.40
C ASN B 180 17.79 6.20 -5.63
N GLY B 181 16.70 5.66 -5.11
CA GLY B 181 16.80 4.42 -4.35
C GLY B 181 16.91 4.61 -2.84
N TYR B 182 17.51 5.71 -2.40
CA TYR B 182 17.66 5.93 -0.96
C TYR B 182 16.36 6.00 -0.15
N GLY B 183 15.37 6.77 -0.62
CA GLY B 183 14.12 6.91 0.12
C GLY B 183 14.27 7.93 1.23
N SER B 184 13.16 8.37 1.83
CA SER B 184 13.20 9.37 2.91
C SER B 184 11.92 9.49 3.74
N THR B 185 12.05 10.00 4.95
CA THR B 185 10.89 10.13 5.81
C THR B 185 9.77 10.83 5.05
N GLN B 186 8.60 10.19 5.00
CA GLN B 186 7.47 10.74 4.31
C GLN B 186 6.50 11.36 5.30
N TYR B 187 5.94 12.51 4.93
CA TYR B 187 4.99 13.23 5.75
C TYR B 187 3.74 13.27 4.91
N ILE B 188 2.62 12.97 5.51
CA ILE B 188 1.38 12.97 4.77
C ILE B 188 0.45 13.96 5.40
N ARG B 189 0.02 14.92 4.59
CA ARG B 189 -0.93 15.91 5.06
C ARG B 189 -2.22 15.18 4.81
N PHE B 190 -3.07 15.08 5.82
CA PHE B 190 -4.29 14.32 5.64
C PHE B 190 -5.29 14.64 6.73
N SER B 191 -6.55 14.42 6.42
CA SER B 191 -7.62 14.66 7.37
C SER B 191 -8.70 13.60 7.28
N PRO B 192 -8.97 12.93 8.40
CA PRO B 192 -10.00 11.88 8.45
C PRO B 192 -11.38 12.51 8.63
N ASP B 193 -11.44 13.83 8.71
CA ASP B 193 -12.71 14.52 8.92
C ASP B 193 -13.40 15.02 7.66
N PHE B 194 -12.79 14.82 6.48
CA PHE B 194 -13.40 15.26 5.23
C PHE B 194 -13.23 14.22 4.15
N THR B 195 -14.10 14.28 3.14
CA THR B 195 -13.99 13.38 2.02
C THR B 195 -14.61 14.01 0.77
N PHE B 196 -14.30 13.42 -0.37
CA PHE B 196 -14.78 13.90 -1.66
C PHE B 196 -15.90 13.04 -2.20
N GLY B 197 -16.84 13.67 -2.91
CA GLY B 197 -17.91 12.91 -3.50
C GLY B 197 -17.64 12.65 -4.97
N PHE B 198 -18.47 11.83 -5.59
CA PHE B 198 -18.34 11.52 -7.01
C PHE B 198 -19.69 11.05 -7.49
N GLU B 199 -19.92 11.12 -8.80
CA GLU B 199 -21.21 10.74 -9.37
C GLU B 199 -21.25 9.33 -9.91
N GLU B 200 -22.45 8.74 -9.83
CA GLU B 200 -22.73 7.41 -10.35
C GLU B 200 -24.16 7.47 -10.89
N SER B 201 -24.68 6.38 -11.42
CA SER B 201 -26.04 6.38 -11.96
C SER B 201 -27.02 7.17 -11.08
N GLY B 213 -26.83 9.51 -8.84
CA GLY B 213 -26.34 8.86 -7.64
C GLY B 213 -25.16 9.61 -7.06
N LYS B 214 -25.35 10.22 -5.89
CA LYS B 214 -24.28 11.00 -5.28
C LYS B 214 -23.55 10.32 -4.11
N PHE B 215 -22.40 9.73 -4.41
CA PHE B 215 -21.64 9.03 -3.39
C PHE B 215 -20.46 9.76 -2.78
N ALA B 216 -19.83 9.13 -1.81
CA ALA B 216 -18.68 9.70 -1.14
C ALA B 216 -17.55 8.68 -1.06
N THR B 217 -16.32 9.14 -1.30
CA THR B 217 -15.15 8.27 -1.27
C THR B 217 -14.90 7.81 0.16
N ASP B 218 -14.55 6.53 0.33
CA ASP B 218 -14.25 6.04 1.68
C ASP B 218 -12.85 6.56 2.01
N PRO B 219 -12.75 7.35 3.09
CA PRO B 219 -11.49 7.94 3.56
C PRO B 219 -10.30 6.99 3.70
N ALA B 220 -10.56 5.70 3.86
CA ALA B 220 -9.48 4.75 4.00
C ALA B 220 -8.79 4.59 2.67
N VAL B 221 -9.57 4.64 1.60
CA VAL B 221 -9.04 4.50 0.25
C VAL B 221 -8.15 5.69 -0.10
N THR B 222 -8.45 6.83 0.51
CA THR B 222 -7.64 7.99 0.25
C THR B 222 -6.34 7.79 0.99
N LEU B 223 -6.42 7.41 2.26
CA LEU B 223 -5.21 7.18 3.04
C LEU B 223 -4.37 6.10 2.35
N ALA B 224 -5.02 5.13 1.71
CA ALA B 224 -4.29 4.09 1.02
C ALA B 224 -3.46 4.72 -0.08
N HIS B 225 -4.11 5.53 -0.91
CA HIS B 225 -3.45 6.22 -2.01
C HIS B 225 -2.17 6.86 -1.50
N GLU B 226 -2.28 7.62 -0.41
CA GLU B 226 -1.12 8.31 0.14
C GLU B 226 -0.09 7.33 0.66
N LEU B 227 -0.54 6.27 1.30
CA LEU B 227 0.40 5.29 1.83
C LEU B 227 1.12 4.67 0.65
N ILE B 228 0.41 4.49 -0.46
CA ILE B 228 1.03 3.91 -1.63
C ILE B 228 2.16 4.82 -2.16
N HIS B 229 1.88 6.11 -2.27
CA HIS B 229 2.91 7.05 -2.70
C HIS B 229 4.10 6.86 -1.74
N ALA B 230 3.81 6.91 -0.44
CA ALA B 230 4.86 6.77 0.55
C ALA B 230 5.74 5.54 0.33
N GLY B 231 5.13 4.42 -0.05
CA GLY B 231 5.90 3.22 -0.26
C GLY B 231 6.93 3.46 -1.34
N HIS B 232 6.49 4.06 -2.45
CA HIS B 232 7.38 4.34 -3.59
C HIS B 232 8.55 5.19 -3.10
N ARG B 233 8.21 6.26 -2.40
CA ARG B 233 9.19 7.20 -1.89
C ARG B 233 10.17 6.60 -0.87
N LEU B 234 9.67 5.81 0.07
CA LEU B 234 10.55 5.21 1.07
C LEU B 234 11.60 4.31 0.40
N TYR B 235 11.27 3.77 -0.76
CA TYR B 235 12.19 2.89 -1.47
C TYR B 235 12.87 3.65 -2.60
N GLY B 236 12.84 4.98 -2.53
CA GLY B 236 13.46 5.80 -3.55
C GLY B 236 13.12 5.46 -5.00
N ILE B 237 12.00 4.78 -5.25
CA ILE B 237 11.64 4.46 -6.62
C ILE B 237 10.51 5.33 -7.21
N ALA B 238 10.19 6.45 -6.57
CA ALA B 238 9.15 7.34 -7.09
C ALA B 238 9.53 7.98 -8.42
N ILE B 239 8.54 8.47 -9.16
CA ILE B 239 8.81 9.11 -10.45
C ILE B 239 8.52 10.59 -10.30
N ASN B 240 9.38 11.42 -10.89
CA ASN B 240 9.20 12.87 -10.83
C ASN B 240 7.74 13.18 -11.10
N PRO B 241 7.06 13.84 -10.15
CA PRO B 241 5.65 14.19 -10.33
C PRO B 241 5.39 15.01 -11.60
N ASN B 242 6.44 15.59 -12.17
CA ASN B 242 6.31 16.40 -13.39
C ASN B 242 6.51 15.59 -14.66
N ARG B 243 6.62 14.27 -14.52
CA ARG B 243 6.80 13.42 -15.69
C ARG B 243 5.44 12.98 -16.21
N VAL B 244 4.79 13.87 -16.94
CA VAL B 244 3.47 13.60 -17.50
C VAL B 244 3.58 13.37 -18.98
N PHE B 245 2.54 12.78 -19.56
CA PHE B 245 2.51 12.57 -20.98
C PHE B 245 1.06 12.77 -21.42
N LYS B 246 0.79 12.63 -22.71
CA LYS B 246 -0.55 12.89 -23.19
C LYS B 246 -1.27 11.75 -23.88
N VAL B 247 -2.59 11.72 -23.71
CA VAL B 247 -3.45 10.71 -24.32
C VAL B 247 -4.57 11.41 -25.10
N ASN B 248 -4.61 11.16 -26.40
CA ASN B 248 -5.62 11.78 -27.26
C ASN B 248 -6.94 11.03 -27.23
N THR B 249 -8.01 11.79 -27.46
CA THR B 249 -9.36 11.22 -27.48
C THR B 249 -9.49 10.72 -28.90
N ASN B 250 -10.66 10.14 -29.16
CA ASN B 250 -11.06 9.70 -30.48
C ASN B 250 -11.87 10.88 -30.80
N ALA B 251 -11.51 11.55 -31.85
CA ALA B 251 -12.31 12.72 -32.03
C ALA B 251 -13.50 12.64 -32.97
N TYR B 252 -14.44 13.57 -32.83
CA TYR B 252 -15.61 13.55 -33.73
C TYR B 252 -16.48 14.80 -33.70
N MET C 3 -5.40 19.64 -30.16
CA MET C 3 -5.77 18.20 -29.98
C MET C 3 -6.33 17.95 -28.58
N SER C 4 -7.55 17.43 -28.48
CA SER C 4 -8.16 17.19 -27.17
C SER C 4 -7.66 15.91 -26.47
N GLY C 5 -7.92 15.83 -25.17
CA GLY C 5 -7.52 14.66 -24.43
C GLY C 5 -7.14 14.97 -23.00
N LEU C 6 -6.38 14.07 -22.39
CA LEU C 6 -5.98 14.28 -21.02
C LEU C 6 -4.47 14.24 -20.87
N GLU C 7 -4.01 14.85 -19.79
CA GLU C 7 -2.60 14.95 -19.51
C GLU C 7 -2.45 14.30 -18.14
N VAL C 8 -1.85 13.11 -18.13
CA VAL C 8 -1.65 12.31 -16.91
C VAL C 8 -0.19 12.09 -16.51
N SER C 9 0.03 11.93 -15.21
CA SER C 9 1.36 11.71 -14.68
C SER C 9 1.68 10.23 -14.47
N PHE C 10 2.94 9.86 -14.64
CA PHE C 10 3.35 8.45 -14.45
C PHE C 10 3.13 7.99 -13.01
N GLU C 11 3.69 8.74 -12.08
CA GLU C 11 3.54 8.39 -10.69
C GLU C 11 2.07 8.18 -10.35
N GLU C 12 1.28 9.23 -10.48
CA GLU C 12 -0.15 9.20 -10.18
C GLU C 12 -0.86 8.02 -10.86
N LEU C 13 -0.54 7.79 -12.11
CA LEU C 13 -1.15 6.72 -12.88
C LEU C 13 -0.80 5.36 -12.26
N ARG C 14 0.47 5.22 -11.89
CA ARG C 14 0.98 3.98 -11.29
C ARG C 14 0.33 3.79 -9.92
N THR C 15 0.31 4.85 -9.13
CA THR C 15 -0.28 4.79 -7.80
C THR C 15 -1.74 4.35 -7.79
N PHE C 16 -2.47 4.71 -8.84
CA PHE C 16 -3.89 4.38 -8.90
C PHE C 16 -4.14 3.00 -9.48
N GLY C 17 -3.37 2.63 -10.48
CA GLY C 17 -3.55 1.33 -11.08
C GLY C 17 -4.89 1.28 -11.79
N GLY C 18 -5.39 0.06 -12.02
CA GLY C 18 -6.65 -0.12 -12.73
C GLY C 18 -6.44 0.01 -14.23
N HIS C 19 -7.46 0.46 -14.94
CA HIS C 19 -7.33 0.62 -16.39
C HIS C 19 -6.33 1.70 -16.74
N ASP C 20 -6.30 2.76 -15.92
CA ASP C 20 -5.38 3.88 -16.09
C ASP C 20 -3.97 3.41 -16.43
N ALA C 21 -3.49 2.43 -15.70
CA ALA C 21 -2.14 1.90 -15.87
C ALA C 21 -1.80 1.37 -17.26
N LYS C 22 -2.82 1.00 -18.03
CA LYS C 22 -2.57 0.46 -19.37
C LYS C 22 -2.11 1.55 -20.34
N PHE C 23 -2.37 2.81 -20.00
CA PHE C 23 -1.96 3.93 -20.85
C PHE C 23 -0.44 3.94 -21.01
N ILE C 24 0.27 3.52 -19.96
CA ILE C 24 1.73 3.45 -20.00
C ILE C 24 2.11 2.33 -20.94
N ASP C 25 2.92 2.65 -21.95
CA ASP C 25 3.32 1.62 -22.91
C ASP C 25 4.46 0.76 -22.41
N SER C 26 4.46 -0.49 -22.85
CA SER C 26 5.46 -1.48 -22.49
C SER C 26 6.90 -0.94 -22.48
N LEU C 27 7.17 0.00 -23.37
CA LEU C 27 8.49 0.60 -23.48
C LEU C 27 8.89 1.47 -22.31
N GLN C 28 8.02 2.41 -21.93
CA GLN C 28 8.33 3.28 -20.80
C GLN C 28 8.43 2.47 -19.52
N GLU C 29 7.76 1.32 -19.51
CA GLU C 29 7.77 0.46 -18.34
C GLU C 29 9.15 -0.15 -18.09
N ASN C 30 9.76 -0.71 -19.14
CA ASN C 30 11.08 -1.31 -19.02
C ASN C 30 12.15 -0.29 -18.65
N GLU C 31 12.05 0.90 -19.24
CA GLU C 31 13.00 1.96 -18.97
C GLU C 31 13.01 2.30 -17.50
N PHE C 32 11.82 2.41 -16.94
CA PHE C 32 11.69 2.76 -15.53
C PHE C 32 12.21 1.64 -14.64
N ARG C 33 11.92 0.40 -15.03
CA ARG C 33 12.38 -0.73 -14.26
C ARG C 33 13.91 -0.77 -14.26
N LEU C 34 14.52 -0.93 -15.42
CA LEU C 34 15.97 -1.00 -15.49
C LEU C 34 16.63 0.14 -14.72
N TYR C 35 16.09 1.33 -14.87
CA TYR C 35 16.64 2.50 -14.19
C TYR C 35 16.76 2.25 -12.70
N TYR C 36 15.64 1.96 -12.06
CA TYR C 36 15.63 1.70 -10.63
C TYR C 36 16.42 0.45 -10.25
N TYR C 37 16.58 -0.44 -11.21
CA TYR C 37 17.36 -1.63 -10.99
C TYR C 37 18.78 -1.15 -10.72
N ASN C 38 19.30 -0.35 -11.64
CA ASN C 38 20.65 0.21 -11.53
C ASN C 38 20.87 1.00 -10.26
N LYS C 39 19.87 1.76 -9.84
CA LYS C 39 19.99 2.54 -8.62
C LYS C 39 20.21 1.62 -7.43
N PHE C 40 19.51 0.49 -7.39
CA PHE C 40 19.70 -0.46 -6.32
C PHE C 40 21.12 -1.01 -6.36
N LYS C 41 21.59 -1.40 -7.55
CA LYS C 41 22.97 -1.93 -7.67
C LYS C 41 23.92 -0.90 -7.05
N ASP C 42 23.66 0.38 -7.30
CA ASP C 42 24.50 1.43 -6.73
C ASP C 42 24.49 1.36 -5.21
N ILE C 43 23.35 1.05 -4.63
CA ILE C 43 23.26 0.96 -3.18
C ILE C 43 24.02 -0.27 -2.72
N ALA C 44 23.88 -1.36 -3.45
CA ALA C 44 24.58 -2.58 -3.08
C ALA C 44 26.08 -2.27 -3.10
N SER C 45 26.51 -1.51 -4.09
CA SER C 45 27.92 -1.14 -4.21
C SER C 45 28.40 -0.26 -3.08
N THR C 46 27.52 0.59 -2.57
CA THR C 46 27.90 1.49 -1.50
C THR C 46 28.04 0.72 -0.21
N LEU C 47 27.29 -0.36 -0.08
CA LEU C 47 27.38 -1.15 1.12
C LEU C 47 28.66 -1.96 1.09
N ASN C 48 28.87 -2.70 0.00
CA ASN C 48 30.07 -3.50 -0.14
C ASN C 48 31.33 -2.74 0.22
N LYS C 49 31.27 -1.43 0.06
CA LYS C 49 32.42 -0.57 0.30
C LYS C 49 32.50 0.04 1.70
N ALA C 50 31.38 0.06 2.41
CA ALA C 50 31.36 0.65 3.75
C ALA C 50 32.33 -0.04 4.68
N LYS C 51 33.08 0.77 5.42
CA LYS C 51 34.07 0.29 6.38
C LYS C 51 33.82 0.86 7.78
N SER C 52 33.26 2.06 7.85
CA SER C 52 32.97 2.69 9.14
C SER C 52 31.56 3.24 9.17
N ILE C 53 31.17 3.84 10.30
CA ILE C 53 29.82 4.40 10.44
C ILE C 53 29.72 5.48 11.52
N VAL C 54 29.04 6.58 11.21
CA VAL C 54 28.86 7.70 12.14
C VAL C 54 27.44 7.67 12.69
N GLY C 55 27.14 8.59 13.60
CA GLY C 55 25.79 8.64 14.15
C GLY C 55 25.71 8.03 15.53
N THR C 56 26.42 6.92 15.71
CA THR C 56 26.49 6.20 16.99
C THR C 56 25.35 5.18 17.09
N THR C 57 24.54 5.09 16.05
CA THR C 57 23.41 4.17 16.06
C THR C 57 23.84 2.76 16.48
N ALA C 58 24.43 2.00 15.57
CA ALA C 58 24.86 0.64 15.85
C ALA C 58 26.14 0.34 15.11
N SER C 59 26.38 -0.94 14.84
CA SER C 59 27.59 -1.33 14.14
C SER C 59 27.32 -1.53 12.65
N LEU C 60 28.35 -1.32 11.84
CA LEU C 60 28.23 -1.48 10.41
C LEU C 60 27.59 -2.82 10.07
N GLN C 61 27.67 -3.75 11.00
CA GLN C 61 27.11 -5.09 10.83
C GLN C 61 25.58 -5.00 10.81
N TYR C 62 25.03 -4.35 11.83
CA TYR C 62 23.60 -4.18 11.98
C TYR C 62 23.02 -3.37 10.83
N MET C 63 23.46 -2.12 10.71
CA MET C 63 22.98 -1.25 9.67
C MET C 63 23.03 -1.90 8.28
N LYS C 64 24.06 -2.70 8.03
CA LYS C 64 24.15 -3.38 6.73
C LYS C 64 23.08 -4.46 6.57
N ASN C 65 22.76 -5.14 7.65
CA ASN C 65 21.74 -6.17 7.60
C ASN C 65 20.39 -5.52 7.40
N VAL C 66 20.19 -4.38 8.04
CA VAL C 66 18.94 -3.64 7.91
C VAL C 66 18.62 -3.37 6.44
N PHE C 67 19.59 -2.87 5.68
CA PHE C 67 19.37 -2.56 4.26
C PHE C 67 19.42 -3.79 3.37
N LYS C 68 20.05 -4.85 3.85
CA LYS C 68 20.12 -6.07 3.09
C LYS C 68 18.65 -6.52 3.03
N GLU C 69 17.96 -6.30 4.15
CA GLU C 69 16.56 -6.65 4.29
C GLU C 69 15.65 -5.68 3.55
N LYS C 70 15.93 -4.40 3.65
CA LYS C 70 15.07 -3.44 2.98
C LYS C 70 15.08 -3.68 1.49
N TYR C 71 16.26 -3.90 0.92
CA TYR C 71 16.36 -4.09 -0.53
C TYR C 71 16.37 -5.53 -1.00
N LEU C 72 16.13 -6.47 -0.10
CA LEU C 72 16.11 -7.88 -0.49
C LEU C 72 17.43 -8.25 -1.17
N LEU C 73 18.54 -7.77 -0.62
CA LEU C 73 19.83 -8.07 -1.23
C LEU C 73 20.37 -9.49 -0.98
N SER C 74 21.05 -10.04 -1.97
CA SER C 74 21.63 -11.37 -1.85
C SER C 74 23.05 -11.20 -1.29
N GLU C 75 23.42 -12.04 -0.33
CA GLU C 75 24.74 -11.96 0.28
C GLU C 75 25.53 -13.26 0.04
N ASP C 76 26.78 -13.11 -0.39
CA ASP C 76 27.62 -14.26 -0.67
C ASP C 76 28.61 -14.62 0.45
N THR C 77 29.53 -15.51 0.11
CA THR C 77 30.58 -15.97 1.03
C THR C 77 31.41 -14.82 1.60
N SER C 78 31.80 -13.89 0.73
CA SER C 78 32.60 -12.74 1.15
C SER C 78 31.80 -11.71 1.91
N GLY C 79 30.50 -11.92 2.02
CA GLY C 79 29.68 -10.96 2.74
C GLY C 79 29.36 -9.78 1.82
N LYS C 80 29.61 -9.96 0.53
CA LYS C 80 29.32 -8.90 -0.41
C LYS C 80 27.88 -9.02 -0.90
N PHE C 81 27.19 -7.88 -0.90
CA PHE C 81 25.80 -7.85 -1.32
C PHE C 81 25.67 -7.66 -2.81
N SER C 82 24.61 -8.21 -3.36
CA SER C 82 24.33 -8.06 -4.77
C SER C 82 22.81 -8.05 -4.94
N VAL C 83 22.36 -7.41 -6.01
CA VAL C 83 20.94 -7.32 -6.29
C VAL C 83 20.52 -8.50 -7.14
N ASP C 84 19.47 -9.19 -6.69
CA ASP C 84 18.93 -10.33 -7.42
C ASP C 84 17.83 -9.84 -8.38
N LYS C 85 18.02 -10.09 -9.67
CA LYS C 85 17.05 -9.67 -10.68
C LYS C 85 15.62 -10.07 -10.29
N LEU C 86 15.41 -11.37 -10.06
CA LEU C 86 14.09 -11.86 -9.70
C LEU C 86 13.55 -11.24 -8.43
N LYS C 87 14.36 -11.20 -7.38
CA LYS C 87 13.89 -10.60 -6.15
C LYS C 87 13.60 -9.11 -6.39
N PHE C 88 14.29 -8.51 -7.35
CA PHE C 88 14.04 -7.11 -7.64
C PHE C 88 12.69 -6.92 -8.35
N ASP C 89 12.48 -7.69 -9.41
CA ASP C 89 11.24 -7.62 -10.15
C ASP C 89 10.04 -7.76 -9.20
N LYS C 90 10.09 -8.77 -8.33
CA LYS C 90 9.00 -9.00 -7.39
C LYS C 90 8.74 -7.80 -6.47
N LEU C 91 9.80 -7.20 -5.94
CA LEU C 91 9.65 -6.05 -5.06
C LEU C 91 9.17 -4.82 -5.85
N TYR C 92 9.68 -4.66 -7.07
CA TYR C 92 9.29 -3.53 -7.88
C TYR C 92 7.80 -3.71 -8.20
N LYS C 93 7.46 -4.92 -8.63
CA LYS C 93 6.10 -5.33 -8.99
C LYS C 93 5.18 -5.10 -7.81
N MET C 94 5.63 -5.58 -6.66
CA MET C 94 4.88 -5.45 -5.44
C MET C 94 4.55 -3.98 -5.13
N LEU C 95 5.54 -3.12 -5.20
CA LEU C 95 5.36 -1.71 -4.89
C LEU C 95 4.67 -0.86 -5.95
N THR C 96 4.71 -1.30 -7.21
CA THR C 96 4.10 -0.51 -8.27
C THR C 96 2.89 -1.11 -8.98
N GLU C 97 2.70 -2.42 -8.93
CA GLU C 97 1.56 -3.05 -9.59
C GLU C 97 0.56 -3.63 -8.62
N ILE C 98 1.03 -4.09 -7.47
CA ILE C 98 0.14 -4.70 -6.51
C ILE C 98 -0.44 -3.70 -5.51
N TYR C 99 0.41 -2.87 -4.92
CA TYR C 99 -0.11 -1.88 -4.01
C TYR C 99 -0.69 -0.72 -4.86
N THR C 100 -1.96 -0.81 -5.24
CA THR C 100 -2.59 0.24 -6.02
C THR C 100 -3.91 0.61 -5.37
N GLU C 101 -4.39 1.83 -5.63
CA GLU C 101 -5.67 2.27 -5.07
C GLU C 101 -6.77 1.33 -5.54
N ASP C 102 -6.76 0.99 -6.83
CA ASP C 102 -7.77 0.12 -7.40
C ASP C 102 -7.85 -1.23 -6.68
N ASN C 103 -6.71 -1.88 -6.50
CA ASN C 103 -6.69 -3.17 -5.80
C ASN C 103 -7.24 -3.00 -4.37
N PHE C 104 -6.87 -1.92 -3.70
CA PHE C 104 -7.35 -1.72 -2.36
C PHE C 104 -8.86 -1.62 -2.35
N VAL C 105 -9.42 -1.14 -3.46
CA VAL C 105 -10.85 -0.99 -3.57
C VAL C 105 -11.53 -2.36 -3.69
N LYS C 106 -10.90 -3.25 -4.45
CA LYS C 106 -11.41 -4.61 -4.58
C LYS C 106 -11.41 -5.25 -3.19
N PHE C 107 -10.46 -4.88 -2.35
CA PHE C 107 -10.36 -5.44 -0.99
C PHE C 107 -11.30 -4.83 0.05
N PHE C 108 -11.77 -3.61 -0.17
CA PHE C 108 -12.68 -2.97 0.78
C PHE C 108 -14.12 -3.08 0.33
N LYS C 109 -14.32 -3.58 -0.88
CA LYS C 109 -15.66 -3.74 -1.42
C LYS C 109 -16.42 -2.42 -1.28
N VAL C 110 -15.88 -1.35 -1.83
CA VAL C 110 -16.56 -0.08 -1.74
C VAL C 110 -16.67 0.52 -3.12
N LEU C 111 -17.50 1.55 -3.24
CA LEU C 111 -17.69 2.24 -4.49
C LEU C 111 -16.59 3.30 -4.50
N ASN C 112 -15.98 3.53 -5.67
CA ASN C 112 -14.90 4.50 -5.78
C ASN C 112 -14.76 4.98 -7.22
N ARG C 113 -14.07 6.10 -7.45
CA ARG C 113 -13.86 6.59 -8.82
C ARG C 113 -13.06 5.56 -9.65
N LYS C 114 -13.12 5.66 -10.97
CA LYS C 114 -12.42 4.70 -11.83
C LYS C 114 -11.12 5.25 -12.43
N THR C 115 -10.71 6.42 -11.98
CA THR C 115 -9.51 7.07 -12.48
C THR C 115 -9.03 8.03 -11.41
N TYR C 116 -7.74 8.32 -11.37
CA TYR C 116 -7.27 9.23 -10.35
C TYR C 116 -7.78 10.66 -10.61
N LEU C 117 -8.15 10.93 -11.85
CA LEU C 117 -8.64 12.25 -12.20
C LEU C 117 -10.07 12.53 -11.68
N ASN C 118 -10.27 13.73 -11.16
CA ASN C 118 -11.58 14.14 -10.68
C ASN C 118 -11.70 15.66 -10.66
N PHE C 119 -12.81 16.17 -11.16
CA PHE C 119 -13.04 17.61 -11.23
C PHE C 119 -14.34 17.98 -10.51
N ASP C 120 -14.81 17.10 -9.65
CA ASP C 120 -16.04 17.34 -8.92
C ASP C 120 -15.78 18.35 -7.81
N LYS C 121 -16.82 19.10 -7.45
CA LYS C 121 -16.69 20.12 -6.41
C LYS C 121 -17.41 19.68 -5.14
N ALA C 122 -17.88 18.44 -5.12
CA ALA C 122 -18.59 17.92 -3.96
C ALA C 122 -17.59 17.53 -2.87
N VAL C 123 -17.68 18.19 -1.72
CA VAL C 123 -16.77 17.89 -0.62
C VAL C 123 -17.59 17.85 0.68
N PHE C 124 -17.49 16.74 1.40
CA PHE C 124 -18.26 16.59 2.63
C PHE C 124 -17.46 16.51 3.92
N LYS C 125 -18.12 16.83 5.03
CA LYS C 125 -17.54 16.76 6.36
C LYS C 125 -18.07 15.45 6.91
N ILE C 126 -17.27 14.74 7.71
CA ILE C 126 -17.70 13.47 8.26
C ILE C 126 -17.15 13.28 9.65
N ASN C 127 -17.38 12.09 10.18
CA ASN C 127 -16.87 11.71 11.50
C ASN C 127 -16.95 10.22 11.66
N ILE C 128 -15.90 9.54 11.22
CA ILE C 128 -15.82 8.08 11.27
C ILE C 128 -15.57 7.48 12.66
N VAL C 129 -15.12 8.27 13.61
CA VAL C 129 -14.85 7.74 14.94
C VAL C 129 -15.98 6.88 15.53
N PRO C 130 -17.21 7.42 15.64
CA PRO C 130 -18.32 6.66 16.21
C PRO C 130 -18.66 5.40 15.41
N LYS C 131 -18.60 4.23 16.06
CA LYS C 131 -18.89 2.95 15.43
C LYS C 131 -20.27 2.87 14.76
N VAL C 132 -21.14 3.82 15.09
CA VAL C 132 -22.48 3.85 14.51
C VAL C 132 -22.42 4.45 13.12
N ASN C 133 -21.36 5.23 12.86
CA ASN C 133 -21.22 5.84 11.55
C ASN C 133 -20.28 5.07 10.64
N TYR C 134 -19.16 4.62 11.18
CA TYR C 134 -18.15 3.95 10.37
C TYR C 134 -17.37 2.89 11.15
N THR C 135 -17.25 1.69 10.59
CA THR C 135 -16.51 0.63 11.28
C THR C 135 -15.30 0.15 10.50
N ILE C 136 -14.35 -0.42 11.22
CA ILE C 136 -13.13 -0.92 10.60
C ILE C 136 -13.41 -1.95 9.50
N TYR C 137 -14.43 -2.77 9.68
CA TYR C 137 -14.71 -3.81 8.70
C TYR C 137 -15.74 -3.46 7.63
N ASP C 138 -16.66 -2.55 7.91
CA ASP C 138 -17.69 -2.22 6.93
C ASP C 138 -17.58 -0.80 6.35
N GLY C 139 -16.65 -0.01 6.87
CA GLY C 139 -16.57 1.34 6.37
C GLY C 139 -17.85 2.03 6.74
N PHE C 140 -18.54 2.62 5.77
CA PHE C 140 -19.80 3.32 6.01
C PHE C 140 -20.97 2.35 5.83
N ASN C 141 -20.77 1.37 4.96
CA ASN C 141 -21.77 0.36 4.63
C ASN C 141 -21.96 -0.75 5.69
N LEU C 142 -22.49 -0.36 6.85
CA LEU C 142 -22.72 -1.28 7.96
C LEU C 142 -23.51 -2.53 7.60
N ARG C 143 -22.92 -3.67 7.95
CA ARG C 143 -23.51 -4.98 7.68
C ARG C 143 -24.80 -5.16 8.45
N ASN C 144 -25.69 -6.00 7.92
CA ASN C 144 -26.97 -6.29 8.56
C ASN C 144 -27.62 -4.96 8.92
N THR C 145 -27.72 -4.10 7.92
CA THR C 145 -28.30 -2.76 8.05
C THR C 145 -28.80 -2.41 6.67
N ASN C 146 -29.55 -1.31 6.55
CA ASN C 146 -30.06 -0.92 5.24
C ASN C 146 -28.86 -0.43 4.45
N LEU C 147 -27.89 0.14 5.15
CA LEU C 147 -26.66 0.64 4.53
C LEU C 147 -25.88 -0.51 3.89
N ALA C 148 -26.16 -1.72 4.37
CA ALA C 148 -25.50 -2.94 3.91
C ALA C 148 -25.15 -3.04 2.43
N ALA C 149 -26.17 -3.15 1.57
CA ALA C 149 -25.92 -3.29 0.13
C ALA C 149 -26.14 -2.01 -0.67
N ASN C 150 -25.75 -2.07 -1.93
CA ASN C 150 -25.87 -0.94 -2.83
C ASN C 150 -25.04 0.24 -2.33
N PHE C 151 -24.08 -0.05 -1.46
CA PHE C 151 -23.21 0.98 -0.93
C PHE C 151 -24.03 2.17 -0.45
N ASN C 152 -25.20 1.88 0.10
CA ASN C 152 -26.08 2.94 0.59
C ASN C 152 -25.37 3.79 1.62
N GLY C 153 -24.39 3.19 2.30
CA GLY C 153 -23.64 3.93 3.31
C GLY C 153 -22.78 5.01 2.69
N GLN C 154 -22.35 4.78 1.45
CA GLN C 154 -21.53 5.76 0.76
C GLN C 154 -22.43 6.75 0.01
N ASN C 155 -23.73 6.48 0.03
CA ASN C 155 -24.71 7.34 -0.65
C ASN C 155 -25.03 8.60 0.14
N THR C 156 -24.64 9.74 -0.44
CA THR C 156 -24.86 11.04 0.16
C THR C 156 -26.32 11.33 0.55
N GLU C 157 -27.24 10.89 -0.30
CA GLU C 157 -28.67 11.13 -0.08
C GLU C 157 -29.22 10.23 1.02
N ILE C 158 -29.07 8.93 0.83
CA ILE C 158 -29.57 7.92 1.76
C ILE C 158 -28.97 7.96 3.17
N ASN C 159 -27.71 8.36 3.28
CA ASN C 159 -27.06 8.40 4.59
C ASN C 159 -26.65 9.84 4.89
N ASN C 160 -27.51 10.78 4.51
CA ASN C 160 -27.25 12.21 4.69
C ASN C 160 -26.79 12.60 6.10
N MET C 161 -27.06 11.76 7.08
CA MET C 161 -26.65 12.08 8.45
C MET C 161 -25.13 12.12 8.60
N ASN C 162 -24.44 11.19 7.95
CA ASN C 162 -22.98 11.12 8.02
C ASN C 162 -22.30 11.88 6.90
N PHE C 163 -22.95 12.92 6.37
CA PHE C 163 -22.33 13.65 5.27
C PHE C 163 -22.73 15.11 5.16
N THR C 164 -22.24 15.94 6.05
CA THR C 164 -22.57 17.34 5.97
C THR C 164 -21.83 17.97 4.79
N LYS C 165 -22.59 18.46 3.81
CA LYS C 165 -22.00 19.09 2.63
C LYS C 165 -21.48 20.51 2.93
N LEU C 166 -20.38 20.88 2.29
CA LEU C 166 -19.78 22.20 2.49
C LEU C 166 -20.05 23.10 1.29
N LYS C 167 -19.19 24.10 1.12
CA LYS C 167 -19.29 25.03 0.01
C LYS C 167 -17.88 25.48 -0.43
#